data_6D0X
#
_entry.id   6D0X
#
_cell.length_a   83.113
_cell.length_b   83.113
_cell.length_c   157.166
_cell.angle_alpha   90.00
_cell.angle_beta   90.00
_cell.angle_gamma   90.00
#
_symmetry.space_group_name_H-M   'P 43 21 2'
#
loop_
_entity.id
_entity.type
_entity.pdbx_description
1 polymer '2140 Antibody, heavy chain'
2 polymer '1210 Antibody, light chain'
3 polymer NANP3
4 non-polymer GLYCEROL
5 non-polymer DI(HYDROXYETHYL)ETHER
6 water water
#
loop_
_entity_poly.entity_id
_entity_poly.type
_entity_poly.pdbx_seq_one_letter_code
_entity_poly.pdbx_strand_id
1 'polypeptide(L)'
;QVQLVESGGGVVQPGTSLRLSCAASGFTFSSYGMHWVRQAPGKGLEWVAIIWYDGSKKYYADSVKGRFTISRDNSRNTLY
LQMNSLRAEDTAVYYCAKVGEGQVGDSSGYYDHWGQGTLVTVSSASTKGPSVFPLAPSSKSTSGGTAALGCLVKDYFPEP
VTVSWNSGALTSGVHTFPAVLQSSGLYSLSSVVTVPSSSLGTQTYICNVNHKPSNTKVDKRVEPKSC
;
A
2 'polypeptide(L)'
;DIQMTQSPSTLSASVGDRVTITCRASQSISSWLAWYQQKPGKAPKLLIYKASNLESGVPLRFSGSGSGTEFTLTISSLQP
DDFATYYCQQYNNYWTFGQGTKVEIKRTVAAPSVFIFPPSDEQLKSGTASVVCLLNNFYPREAKVQWKVDNALQSGNSQE
SVTEQDSKDSTYSLSSTLTLSKADYEKHKVYACEVTHQGLSSPVTKSFNRGEC
;
B
3 'polypeptide(L)' NANPNANPNANP C
#
# COMPACT_ATOMS: atom_id res chain seq x y z
N GLN A 1 -9.01 -20.13 -20.00
CA GLN A 1 -8.25 -18.96 -19.53
C GLN A 1 -7.30 -19.29 -18.37
N VAL A 2 -6.17 -18.59 -18.28
CA VAL A 2 -5.14 -18.95 -17.32
C VAL A 2 -5.62 -18.60 -15.93
N GLN A 3 -5.37 -19.49 -14.97
CA GLN A 3 -5.70 -19.32 -13.57
C GLN A 3 -4.48 -19.72 -12.74
N LEU A 4 -4.15 -18.90 -11.75
CA LEU A 4 -3.03 -19.13 -10.86
C LEU A 4 -3.52 -18.80 -9.48
N VAL A 5 -3.53 -19.78 -8.57
CA VAL A 5 -4.13 -19.59 -7.24
C VAL A 5 -3.07 -19.93 -6.20
N GLU A 6 -2.58 -18.90 -5.48
CA GLU A 6 -1.57 -19.07 -4.44
C GLU A 6 -2.22 -19.45 -3.11
N SER A 7 -1.48 -20.19 -2.29
CA SER A 7 -1.97 -20.44 -0.96
C SER A 7 -0.78 -20.65 -0.05
N GLY A 8 -1.05 -20.72 1.25
CA GLY A 8 -0.04 -21.05 2.22
C GLY A 8 0.38 -19.88 3.08
N GLY A 9 -0.05 -18.65 2.75
CA GLY A 9 0.34 -17.47 3.53
C GLY A 9 -0.36 -17.41 4.87
N GLY A 10 0.14 -16.56 5.75
CA GLY A 10 -0.36 -16.46 7.11
C GLY A 10 0.67 -15.78 7.99
N VAL A 11 0.35 -15.71 9.27
CA VAL A 11 1.26 -15.08 10.24
C VAL A 11 2.22 -16.15 10.73
N VAL A 12 3.51 -15.87 10.66
CA VAL A 12 4.53 -16.82 11.09
C VAL A 12 5.58 -16.07 11.92
N GLN A 13 6.22 -16.78 12.81
CA GLN A 13 7.23 -16.08 13.60
C GLN A 13 8.55 -15.97 12.83
N PRO A 14 9.35 -14.94 13.12
CA PRO A 14 10.68 -14.83 12.50
C PRO A 14 11.56 -16.02 12.87
N GLY A 15 12.42 -16.43 11.93
CA GLY A 15 13.26 -17.59 12.16
C GLY A 15 12.61 -18.92 11.82
N THR A 16 11.30 -18.96 11.57
CA THR A 16 10.65 -20.20 11.12
C THR A 16 10.78 -20.36 9.60
N SER A 17 10.23 -21.45 9.08
CA SER A 17 10.19 -21.64 7.62
C SER A 17 8.75 -21.89 7.19
N LEU A 18 8.46 -21.69 5.90
CA LEU A 18 7.07 -21.80 5.44
C LEU A 18 7.11 -22.16 3.95
N ARG A 19 6.18 -23.01 3.48
CA ARG A 19 6.09 -23.31 2.05
C ARG A 19 4.83 -22.68 1.45
N LEU A 20 4.99 -21.94 0.35
CA LEU A 20 3.87 -21.41 -0.42
C LEU A 20 3.62 -22.30 -1.61
N SER A 21 2.36 -22.34 -2.09
CA SER A 21 1.96 -23.10 -3.27
C SER A 21 1.25 -22.20 -4.26
N CYS A 22 1.29 -22.60 -5.53
CA CYS A 22 0.53 -21.92 -6.56
CA CYS A 22 0.57 -21.91 -6.58
C CYS A 22 -0.01 -22.99 -7.49
N ALA A 23 -1.34 -23.15 -7.48
CA ALA A 23 -2.03 -24.10 -8.33
C ALA A 23 -2.31 -23.46 -9.69
N ALA A 24 -1.80 -24.05 -10.76
CA ALA A 24 -1.95 -23.52 -12.11
C ALA A 24 -3.00 -24.30 -12.91
N SER A 25 -3.75 -23.60 -13.75
CA SER A 25 -4.67 -24.29 -14.65
C SER A 25 -4.96 -23.37 -15.84
N GLY A 26 -5.61 -23.93 -16.86
CA GLY A 26 -5.94 -23.23 -18.09
C GLY A 26 -4.80 -23.07 -19.07
N PHE A 27 -3.65 -23.67 -18.83
CA PHE A 27 -2.57 -23.73 -19.79
C PHE A 27 -1.76 -24.98 -19.46
N THR A 28 -0.81 -25.31 -20.33
CA THR A 28 0.03 -26.49 -20.07
C THR A 28 1.17 -26.08 -19.13
N PHE A 29 0.92 -26.24 -17.83
CA PHE A 29 1.84 -25.78 -16.81
C PHE A 29 3.25 -26.34 -17.04
N SER A 30 3.33 -27.65 -17.33
CA SER A 30 4.65 -28.27 -17.45
C SER A 30 5.45 -27.76 -18.65
N SER A 31 4.89 -26.92 -19.53
CA SER A 31 5.69 -26.39 -20.62
C SER A 31 6.28 -25.01 -20.35
N TYR A 32 6.03 -24.42 -19.18
CA TYR A 32 6.39 -23.02 -18.96
C TYR A 32 7.27 -22.84 -17.73
N GLY A 33 8.28 -21.97 -17.88
CA GLY A 33 8.94 -21.42 -16.72
C GLY A 33 7.98 -20.56 -15.91
N MET A 34 8.28 -20.44 -14.60
CA MET A 34 7.45 -19.71 -13.66
C MET A 34 8.36 -18.91 -12.73
N HIS A 35 7.82 -17.80 -12.22
CA HIS A 35 8.54 -16.94 -11.29
C HIS A 35 7.68 -16.71 -10.06
N TRP A 36 8.34 -16.30 -8.97
CA TRP A 36 7.68 -15.67 -7.85
C TRP A 36 8.13 -14.23 -7.80
N VAL A 37 7.20 -13.34 -7.45
CA VAL A 37 7.43 -11.90 -7.29
C VAL A 37 6.73 -11.49 -6.00
N ARG A 38 7.30 -10.56 -5.23
CA ARG A 38 6.64 -10.18 -4.00
C ARG A 38 6.51 -8.65 -3.85
N GLN A 39 5.66 -8.25 -2.91
CA GLN A 39 5.36 -6.84 -2.72
C GLN A 39 5.12 -6.59 -1.24
N ALA A 40 6.07 -5.94 -0.60
CA ALA A 40 5.88 -5.59 0.79
C ALA A 40 4.77 -4.53 0.91
N PRO A 41 4.09 -4.50 2.06
CA PRO A 41 3.03 -3.52 2.30
C PRO A 41 3.45 -2.11 1.96
N GLY A 42 2.71 -1.49 1.04
CA GLY A 42 2.97 -0.14 0.60
C GLY A 42 4.17 0.08 -0.30
N LYS A 43 4.80 -0.96 -0.82
CA LYS A 43 6.04 -0.85 -1.56
C LYS A 43 5.85 -1.35 -2.99
N GLY A 44 6.96 -1.37 -3.74
CA GLY A 44 6.96 -1.77 -5.14
C GLY A 44 7.12 -3.29 -5.31
N LEU A 45 7.17 -3.70 -6.58
CA LEU A 45 7.30 -5.11 -6.95
C LEU A 45 8.77 -5.54 -6.92
N GLU A 46 9.03 -6.73 -6.37
CA GLU A 46 10.40 -7.23 -6.25
C GLU A 46 10.44 -8.66 -6.77
N TRP A 47 11.23 -8.88 -7.83
CA TRP A 47 11.43 -10.25 -8.30
C TRP A 47 12.11 -11.11 -7.22
N VAL A 48 11.69 -12.41 -7.10
CA VAL A 48 12.20 -13.33 -6.06
C VAL A 48 12.94 -14.53 -6.66
N ALA A 49 12.29 -15.25 -7.58
CA ALA A 49 12.92 -16.48 -8.06
C ALA A 49 12.28 -16.90 -9.38
N ILE A 50 13.00 -17.77 -10.10
CA ILE A 50 12.55 -18.32 -11.38
C ILE A 50 12.90 -19.79 -11.38
N ILE A 51 12.05 -20.59 -12.01
CA ILE A 51 12.34 -22.00 -12.24
C ILE A 51 11.99 -22.36 -13.68
N TRP A 52 12.86 -23.17 -14.30
CA TRP A 52 12.64 -23.65 -15.66
C TRP A 52 11.42 -24.59 -15.70
N TYR A 53 10.89 -24.79 -16.92
CA TYR A 53 9.71 -25.66 -17.09
C TYR A 53 9.97 -27.04 -16.52
N ASP A 54 11.21 -27.54 -16.64
CA ASP A 54 11.53 -28.90 -16.18
C ASP A 54 12.28 -28.92 -14.86
N GLY A 55 12.40 -27.80 -14.16
CA GLY A 55 13.14 -27.71 -12.91
C GLY A 55 14.65 -27.77 -13.02
N SER A 56 15.23 -27.74 -14.21
CA SER A 56 16.67 -27.95 -14.45
C SER A 56 17.54 -26.72 -14.16
N LYS A 57 16.95 -25.54 -14.00
CA LYS A 57 17.68 -24.31 -13.69
C LYS A 57 16.78 -23.47 -12.79
N LYS A 58 17.39 -22.82 -11.79
CA LYS A 58 16.71 -21.93 -10.85
C LYS A 58 17.63 -20.75 -10.56
N TYR A 59 17.06 -19.57 -10.45
CA TYR A 59 17.81 -18.38 -10.03
C TYR A 59 17.02 -17.66 -8.97
N TYR A 60 17.72 -16.88 -8.13
CA TYR A 60 17.14 -16.24 -6.97
C TYR A 60 17.63 -14.81 -6.86
N ALA A 61 16.80 -13.96 -6.29
CA ALA A 61 17.21 -12.61 -5.92
C ALA A 61 18.26 -12.67 -4.82
N ASP A 62 19.20 -11.70 -4.85
CA ASP A 62 20.27 -11.75 -3.83
C ASP A 62 19.70 -11.67 -2.44
N SER A 63 18.55 -10.99 -2.25
CA SER A 63 17.93 -10.82 -0.93
C SER A 63 17.39 -12.11 -0.33
N VAL A 64 17.17 -13.15 -1.12
CA VAL A 64 16.68 -14.41 -0.58
C VAL A 64 17.63 -15.58 -0.82
N LYS A 65 18.78 -15.33 -1.44
CA LYS A 65 19.72 -16.40 -1.76
C LYS A 65 20.13 -17.15 -0.50
N GLY A 66 20.14 -18.48 -0.61
CA GLY A 66 20.52 -19.32 0.53
C GLY A 66 19.41 -19.58 1.51
N ARG A 67 18.29 -18.87 1.42
CA ARG A 67 17.17 -19.04 2.31
C ARG A 67 15.92 -19.58 1.61
N PHE A 68 15.73 -19.26 0.35
CA PHE A 68 14.52 -19.65 -0.37
C PHE A 68 14.87 -20.68 -1.43
N THR A 69 13.92 -21.58 -1.71
CA THR A 69 14.11 -22.60 -2.73
C THR A 69 12.84 -22.67 -3.57
N ILE A 70 12.96 -22.55 -4.87
CA ILE A 70 11.77 -22.70 -5.71
C ILE A 70 11.73 -24.14 -6.23
N SER A 71 10.52 -24.70 -6.35
CA SER A 71 10.41 -26.05 -6.88
C SER A 71 9.04 -26.18 -7.53
N ARG A 72 8.81 -27.34 -8.17
CA ARG A 72 7.53 -27.52 -8.83
C ARG A 72 7.22 -28.99 -8.95
N ASP A 73 5.94 -29.31 -9.01
CA ASP A 73 5.49 -30.68 -9.25
C ASP A 73 4.60 -30.63 -10.49
N ASN A 74 5.14 -31.01 -11.65
CA ASN A 74 4.39 -30.85 -12.88
C ASN A 74 3.22 -31.82 -12.96
N SER A 75 3.33 -32.97 -12.28
CA SER A 75 2.23 -33.93 -12.32
C SER A 75 1.01 -33.43 -11.54
N ARG A 76 1.19 -32.42 -10.68
CA ARG A 76 0.09 -31.81 -9.92
C ARG A 76 -0.12 -30.34 -10.29
N ASN A 77 0.49 -29.85 -11.36
CA ASN A 77 0.33 -28.46 -11.81
C ASN A 77 0.55 -27.47 -10.67
N THR A 78 1.59 -27.69 -9.84
CA THR A 78 1.82 -26.84 -8.68
C THR A 78 3.25 -26.31 -8.64
N LEU A 79 3.37 -25.03 -8.34
CA LEU A 79 4.63 -24.34 -8.12
C LEU A 79 4.77 -24.12 -6.63
N TYR A 80 6.00 -24.24 -6.09
CA TYR A 80 6.24 -24.01 -4.67
C TYR A 80 7.32 -22.98 -4.44
N LEU A 81 7.28 -22.34 -3.27
CA LEU A 81 8.37 -21.50 -2.76
C LEU A 81 8.61 -21.91 -1.31
N GLN A 82 9.77 -22.50 -1.04
CA GLN A 82 10.15 -22.91 0.30
C GLN A 82 10.96 -21.77 0.92
N MET A 83 10.46 -21.17 1.99
CA MET A 83 11.10 -19.98 2.59
C MET A 83 11.63 -20.35 3.97
N ASN A 84 12.95 -20.40 4.14
CA ASN A 84 13.59 -20.72 5.41
C ASN A 84 14.13 -19.45 6.09
N SER A 85 14.30 -19.52 7.43
CA SER A 85 14.90 -18.43 8.21
C SER A 85 14.21 -17.09 7.93
N LEU A 86 12.90 -17.07 8.11
CA LEU A 86 12.11 -15.90 7.71
C LEU A 86 12.47 -14.71 8.60
N ARG A 87 12.44 -13.53 7.98
CA ARG A 87 12.80 -12.26 8.60
C ARG A 87 11.62 -11.30 8.48
N ALA A 88 11.59 -10.28 9.34
CA ALA A 88 10.50 -9.30 9.27
C ALA A 88 10.36 -8.71 7.85
N GLU A 89 11.47 -8.49 7.17
CA GLU A 89 11.39 -7.83 5.89
C GLU A 89 11.01 -8.79 4.76
N ASP A 90 10.75 -10.07 5.07
CA ASP A 90 10.10 -10.97 4.12
C ASP A 90 8.59 -10.80 4.12
N THR A 91 8.03 -10.01 5.05
CA THR A 91 6.59 -9.75 5.04
C THR A 91 6.19 -9.16 3.69
N ALA A 92 5.19 -9.73 3.03
CA ALA A 92 4.88 -9.26 1.67
C ALA A 92 3.74 -10.10 1.11
N VAL A 93 3.07 -9.57 0.08
CA VAL A 93 2.23 -10.42 -0.77
C VAL A 93 3.11 -11.10 -1.79
N TYR A 94 3.02 -12.45 -1.85
CA TYR A 94 3.84 -13.26 -2.75
C TYR A 94 2.97 -13.64 -3.95
N TYR A 95 3.42 -13.28 -5.16
CA TYR A 95 2.69 -13.57 -6.40
C TYR A 95 3.41 -14.65 -7.21
N CYS A 96 2.65 -15.61 -7.73
CA CYS A 96 3.24 -16.45 -8.75
CA CYS A 96 3.07 -16.55 -8.75
C CYS A 96 2.86 -15.87 -10.11
N ALA A 97 3.77 -16.04 -11.05
CA ALA A 97 3.67 -15.36 -12.34
C ALA A 97 4.11 -16.32 -13.42
N LYS A 98 3.30 -16.45 -14.47
CA LYS A 98 3.66 -17.24 -15.65
C LYS A 98 4.57 -16.44 -16.58
N VAL A 99 5.61 -17.08 -17.13
CA VAL A 99 6.45 -16.47 -18.18
C VAL A 99 5.64 -16.27 -19.46
N GLY A 100 5.70 -15.06 -20.02
CA GLY A 100 4.99 -14.82 -21.28
C GLY A 100 5.76 -15.43 -22.42
N GLU A 101 5.00 -15.75 -23.48
CA GLU A 101 5.53 -16.52 -24.60
C GLU A 101 6.65 -15.77 -25.31
N GLY A 102 6.47 -14.45 -25.51
CA GLY A 102 7.42 -13.71 -26.30
C GLY A 102 7.29 -13.98 -27.79
N GLN A 103 8.02 -13.22 -28.62
CA GLN A 103 8.18 -13.56 -30.02
C GLN A 103 9.39 -14.48 -30.12
N VAL A 104 9.47 -15.18 -31.24
CA VAL A 104 10.54 -16.17 -31.43
C VAL A 104 11.89 -15.51 -31.24
N GLY A 105 12.72 -16.15 -30.41
CA GLY A 105 14.06 -15.68 -30.14
C GLY A 105 14.21 -14.71 -28.96
N ASP A 106 13.10 -14.24 -28.37
CA ASP A 106 13.23 -13.14 -27.42
C ASP A 106 13.93 -13.61 -26.14
N SER A 107 14.68 -12.69 -25.51
CA SER A 107 15.01 -12.83 -24.09
C SER A 107 13.75 -13.07 -23.26
N SER A 108 13.88 -13.82 -22.18
CA SER A 108 12.71 -14.25 -21.43
C SER A 108 12.51 -13.51 -20.11
N GLY A 109 11.23 -13.34 -19.75
CA GLY A 109 10.86 -13.01 -18.37
C GLY A 109 9.90 -11.86 -18.18
N TYR A 110 8.99 -11.59 -19.12
CA TYR A 110 7.85 -10.80 -18.74
C TYR A 110 6.73 -11.74 -18.34
N TYR A 111 5.72 -11.21 -17.66
CA TYR A 111 4.74 -12.08 -16.99
C TYR A 111 3.38 -11.79 -17.59
N ASP A 112 2.83 -12.77 -18.31
CA ASP A 112 1.53 -12.54 -18.93
C ASP A 112 0.38 -12.82 -17.98
N HIS A 113 0.59 -13.55 -16.89
CA HIS A 113 -0.48 -13.80 -15.94
C HIS A 113 0.09 -13.88 -14.53
N TRP A 114 -0.69 -13.38 -13.56
CA TRP A 114 -0.28 -13.31 -12.16
C TRP A 114 -1.39 -13.90 -11.31
N GLY A 115 -1.02 -14.58 -10.22
CA GLY A 115 -2.01 -14.98 -9.24
C GLY A 115 -2.52 -13.76 -8.47
N GLN A 116 -3.55 -14.00 -7.65
CA GLN A 116 -4.05 -12.96 -6.77
C GLN A 116 -3.12 -12.69 -5.58
N GLY A 117 -2.17 -13.57 -5.29
CA GLY A 117 -1.20 -13.30 -4.24
C GLY A 117 -1.59 -13.97 -2.92
N THR A 118 -0.59 -14.25 -2.09
CA THR A 118 -0.86 -14.76 -0.75
C THR A 118 0.03 -13.97 0.21
N LEU A 119 -0.56 -13.43 1.27
CA LEU A 119 0.12 -12.54 2.21
C LEU A 119 0.87 -13.33 3.25
N VAL A 120 2.17 -13.09 3.37
CA VAL A 120 2.99 -13.67 4.45
C VAL A 120 3.33 -12.56 5.43
N THR A 121 2.98 -12.74 6.71
CA THR A 121 3.27 -11.74 7.75
C THR A 121 4.23 -12.37 8.76
N VAL A 122 5.47 -11.88 8.78
CA VAL A 122 6.48 -12.40 9.70
C VAL A 122 6.49 -11.51 10.94
N SER A 123 6.06 -12.05 12.07
CA SER A 123 5.88 -11.26 13.27
C SER A 123 5.85 -12.14 14.51
N SER A 124 6.37 -11.62 15.64
CA SER A 124 6.24 -12.29 16.91
C SER A 124 4.98 -11.92 17.66
N ALA A 125 4.12 -11.06 17.12
CA ALA A 125 2.96 -10.61 17.88
C ALA A 125 1.93 -11.73 18.02
N SER A 126 1.20 -11.70 19.11
CA SER A 126 0.04 -12.55 19.33
C SER A 126 -1.25 -11.84 18.92
N THR A 127 -2.24 -12.65 18.54
CA THR A 127 -3.59 -12.15 18.33
C THR A 127 -4.00 -11.24 19.47
N LYS A 128 -4.42 -10.03 19.16
CA LYS A 128 -4.85 -9.10 20.21
C LYS A 128 -5.91 -8.18 19.65
N GLY A 129 -7.00 -8.01 20.38
CA GLY A 129 -8.04 -7.12 19.93
C GLY A 129 -7.73 -5.68 20.30
N PRO A 130 -8.37 -4.74 19.62
CA PRO A 130 -8.04 -3.32 19.85
C PRO A 130 -8.67 -2.79 21.11
N SER A 131 -8.08 -1.71 21.61
CA SER A 131 -8.79 -0.80 22.49
C SER A 131 -9.36 0.29 21.61
N VAL A 132 -10.55 0.77 21.93
CA VAL A 132 -11.22 1.76 21.10
C VAL A 132 -11.45 2.99 21.94
N PHE A 133 -10.81 4.12 21.57
CA PHE A 133 -10.93 5.34 22.38
C PHE A 133 -11.64 6.45 21.59
N PRO A 134 -12.37 7.33 22.27
CA PRO A 134 -13.01 8.44 21.57
C PRO A 134 -12.01 9.52 21.14
N LEU A 135 -12.25 10.07 19.97
CA LEU A 135 -11.65 11.33 19.53
C LEU A 135 -12.81 12.32 19.62
N ALA A 136 -12.95 12.96 20.80
CA ALA A 136 -14.16 13.69 21.12
C ALA A 136 -14.12 15.06 20.45
N PRO A 137 -15.27 15.56 19.98
CA PRO A 137 -15.30 16.83 19.26
C PRO A 137 -14.92 18.01 20.14
N SER A 138 -14.33 19.02 19.51
CA SER A 138 -13.79 20.18 20.21
C SER A 138 -14.91 21.03 20.80
N SER A 139 -14.72 21.44 22.07
CA SER A 139 -15.64 22.34 22.74
C SER A 139 -15.53 23.78 22.23
N LYS A 140 -14.37 24.16 21.65
CA LYS A 140 -14.30 25.44 20.95
C LYS A 140 -15.10 25.40 19.66
N SER A 141 -15.11 24.23 19.00
CA SER A 141 -16.03 23.92 17.90
C SER A 141 -16.01 24.98 16.79
N THR A 142 -17.20 25.34 16.33
CA THR A 142 -17.44 26.41 15.35
C THR A 142 -18.95 26.59 15.25
N SER A 143 -19.45 27.73 15.69
CA SER A 143 -20.89 27.95 15.74
C SER A 143 -21.52 27.76 14.37
N GLY A 144 -22.35 26.73 14.24
CA GLY A 144 -23.03 26.48 12.98
C GLY A 144 -22.08 26.22 11.83
N GLY A 145 -21.05 25.40 12.07
CA GLY A 145 -20.10 25.05 11.05
C GLY A 145 -19.90 23.55 11.01
N THR A 146 -18.67 23.10 11.20
CA THR A 146 -18.40 21.66 11.13
C THR A 146 -17.46 21.27 12.26
N ALA A 147 -17.75 20.11 12.87
CA ALA A 147 -16.91 19.55 13.91
C ALA A 147 -16.48 18.14 13.50
N ALA A 148 -15.27 17.77 13.93
CA ALA A 148 -14.72 16.45 13.64
C ALA A 148 -14.71 15.62 14.91
N LEU A 149 -15.00 14.34 14.76
CA LEU A 149 -14.96 13.40 15.86
C LEU A 149 -14.55 12.05 15.28
N GLY A 150 -14.20 11.11 16.14
CA GLY A 150 -13.74 9.85 15.61
C GLY A 150 -13.46 8.84 16.70
N CYS A 151 -12.78 7.77 16.29
CA CYS A 151 -12.40 6.65 17.15
C CYS A 151 -10.95 6.28 16.87
N LEU A 152 -10.18 6.14 17.94
CA LEU A 152 -8.81 5.65 17.84
C LEU A 152 -8.87 4.15 18.15
N VAL A 153 -8.46 3.33 17.19
CA VAL A 153 -8.53 1.86 17.29
C VAL A 153 -7.09 1.40 17.46
N LYS A 154 -6.70 1.12 18.70
CA LYS A 154 -5.29 1.05 19.04
C LYS A 154 -4.89 -0.33 19.51
N ASP A 155 -3.69 -0.75 19.07
CA ASP A 155 -3.00 -1.92 19.64
C ASP A 155 -3.73 -3.24 19.35
N TYR A 156 -3.84 -3.56 18.06
CA TYR A 156 -4.43 -4.83 17.68
C TYR A 156 -3.49 -5.58 16.73
N PHE A 157 -3.72 -6.89 16.59
CA PHE A 157 -2.91 -7.71 15.71
C PHE A 157 -3.67 -9.01 15.42
N PRO A 158 -3.66 -9.52 14.20
CA PRO A 158 -3.10 -8.96 12.99
C PRO A 158 -4.10 -8.04 12.27
N GLU A 159 -3.79 -7.56 11.08
CA GLU A 159 -4.77 -6.88 10.27
CA GLU A 159 -4.78 -6.88 10.29
C GLU A 159 -5.81 -7.89 9.80
N PRO A 160 -7.02 -7.42 9.44
CA PRO A 160 -7.59 -6.06 9.37
C PRO A 160 -8.59 -5.80 10.49
N VAL A 161 -8.91 -4.53 10.75
CA VAL A 161 -10.11 -4.16 11.50
C VAL A 161 -11.05 -3.50 10.52
N THR A 162 -12.32 -3.44 10.90
CA THR A 162 -13.26 -2.64 10.15
C THR A 162 -13.96 -1.67 11.09
N VAL A 163 -14.34 -0.51 10.57
CA VAL A 163 -15.03 0.51 11.32
C VAL A 163 -16.23 0.98 10.51
N SER A 164 -17.38 1.06 11.16
CA SER A 164 -18.52 1.73 10.58
C SER A 164 -19.03 2.72 11.62
N TRP A 165 -19.96 3.57 11.20
CA TRP A 165 -20.50 4.58 12.09
C TRP A 165 -22.01 4.41 12.13
N ASN A 166 -22.56 4.44 13.34
CA ASN A 166 -24.01 4.29 13.57
C ASN A 166 -24.58 3.09 12.81
N SER A 167 -23.84 1.98 12.85
CA SER A 167 -24.25 0.70 12.27
C SER A 167 -24.40 0.79 10.75
N GLY A 168 -23.49 1.53 10.11
CA GLY A 168 -23.48 1.68 8.66
C GLY A 168 -24.39 2.75 8.10
N ALA A 169 -25.28 3.32 8.92
CA ALA A 169 -26.18 4.36 8.41
C ALA A 169 -25.45 5.66 8.11
N LEU A 170 -24.26 5.88 8.67
CA LEU A 170 -23.52 7.14 8.51
C LEU A 170 -22.29 6.87 7.65
N THR A 171 -22.27 7.42 6.42
CA THR A 171 -21.18 7.18 5.48
C THR A 171 -20.55 8.46 4.91
N SER A 172 -21.35 9.47 4.64
CA SER A 172 -20.78 10.68 4.05
C SER A 172 -19.86 11.36 5.05
N GLY A 173 -18.67 11.76 4.60
CA GLY A 173 -17.70 12.41 5.47
C GLY A 173 -16.85 11.47 6.32
N VAL A 174 -17.07 10.20 6.24
CA VAL A 174 -16.23 9.26 7.00
C VAL A 174 -14.90 9.07 6.31
N HIS A 175 -13.81 9.09 7.09
CA HIS A 175 -12.51 8.63 6.60
C HIS A 175 -11.95 7.65 7.61
N THR A 176 -11.70 6.43 7.17
CA THR A 176 -11.03 5.42 7.98
C THR A 176 -9.62 5.28 7.43
N PHE A 177 -8.61 5.52 8.27
CA PHE A 177 -7.26 5.68 7.72
C PHE A 177 -6.59 4.32 7.63
N PRO A 178 -5.58 4.17 6.76
CA PRO A 178 -4.80 2.93 6.76
C PRO A 178 -4.12 2.72 8.10
N ALA A 179 -4.04 1.45 8.56
CA ALA A 179 -3.33 1.21 9.81
C ALA A 179 -1.84 1.55 9.68
N VAL A 180 -1.20 1.85 10.80
CA VAL A 180 0.25 1.96 10.88
C VAL A 180 0.79 0.90 11.84
N LEU A 181 1.92 0.33 11.50
CA LEU A 181 2.54 -0.68 12.37
C LEU A 181 3.46 0.07 13.34
N GLN A 182 3.23 -0.11 14.63
CA GLN A 182 4.00 0.61 15.63
C GLN A 182 5.25 -0.19 15.97
N SER A 183 6.19 0.45 16.67
CA SER A 183 7.40 -0.22 17.16
C SER A 183 7.08 -1.48 17.95
N SER A 184 5.95 -1.49 18.64
CA SER A 184 5.55 -2.64 19.45
C SER A 184 5.21 -3.87 18.64
N GLY A 185 5.09 -3.78 17.33
CA GLY A 185 4.50 -4.88 16.56
C GLY A 185 3.00 -4.83 16.43
N LEU A 186 2.33 -3.90 17.11
CA LEU A 186 0.89 -3.85 17.00
C LEU A 186 0.51 -2.72 16.06
N TYR A 187 -0.67 -2.86 15.45
CA TYR A 187 -1.25 -1.88 14.56
C TYR A 187 -2.17 -0.92 15.30
N SER A 188 -2.39 0.25 14.69
CA SER A 188 -3.36 1.20 15.19
C SER A 188 -3.86 2.04 14.02
N LEU A 189 -5.16 2.34 14.00
CA LEU A 189 -5.71 3.27 13.02
C LEU A 189 -6.75 4.18 13.67
N SER A 190 -7.07 5.26 12.98
CA SER A 190 -8.14 6.15 13.39
C SER A 190 -9.21 6.18 12.31
N SER A 191 -10.44 6.37 12.76
CA SER A 191 -11.58 6.63 11.89
C SER A 191 -12.26 7.90 12.34
N VAL A 192 -12.51 8.83 11.40
CA VAL A 192 -13.07 10.13 11.71
C VAL A 192 -14.26 10.42 10.81
N VAL A 193 -15.15 11.28 11.29
CA VAL A 193 -16.27 11.72 10.47
C VAL A 193 -16.51 13.19 10.79
N THR A 194 -16.78 14.00 9.75
CA THR A 194 -17.17 15.38 9.95
C THR A 194 -18.69 15.50 9.85
N VAL A 195 -19.26 16.32 10.73
CA VAL A 195 -20.70 16.39 10.91
C VAL A 195 -21.09 17.84 11.18
N PRO A 196 -22.37 18.17 11.04
CA PRO A 196 -22.83 19.52 11.39
C PRO A 196 -22.55 19.84 12.85
N SER A 197 -21.91 20.99 13.08
CA SER A 197 -21.57 21.38 14.44
C SER A 197 -22.81 21.52 15.32
N SER A 198 -23.95 21.83 14.71
CA SER A 198 -25.19 22.01 15.46
C SER A 198 -25.74 20.66 15.93
N SER A 199 -25.60 19.62 15.10
CA SER A 199 -26.18 18.31 15.41
C SER A 199 -25.49 17.59 16.58
N LEU A 200 -24.48 18.19 17.22
CA LEU A 200 -23.78 17.54 18.33
C LEU A 200 -24.71 17.32 19.52
N GLY A 201 -25.61 18.27 19.78
CA GLY A 201 -26.61 18.06 20.81
C GLY A 201 -27.58 16.93 20.46
N THR A 202 -28.13 16.98 19.23
CA THR A 202 -29.13 16.02 18.78
C THR A 202 -28.55 14.62 18.57
N GLN A 203 -27.82 14.46 17.48
CA GLN A 203 -27.50 13.13 16.99
C GLN A 203 -26.43 12.46 17.88
N THR A 204 -26.62 11.16 18.10
CA THR A 204 -25.63 10.35 18.80
C THR A 204 -24.71 9.68 17.78
N TYR A 205 -23.42 9.63 18.10
CA TYR A 205 -22.40 9.10 17.21
C TYR A 205 -21.66 7.95 17.87
N ILE A 206 -21.63 6.81 17.17
CA ILE A 206 -21.10 5.55 17.68
C ILE A 206 -20.32 4.87 16.56
N CYS A 207 -19.07 4.51 16.84
CA CYS A 207 -18.29 3.76 15.87
C CYS A 207 -18.37 2.29 16.22
N ASN A 208 -18.56 1.45 15.21
CA ASN A 208 -18.68 0.01 15.37
C ASN A 208 -17.39 -0.60 14.86
N VAL A 209 -16.64 -1.21 15.77
CA VAL A 209 -15.30 -1.69 15.46
C VAL A 209 -15.31 -3.21 15.53
N ASN A 210 -14.85 -3.86 14.47
CA ASN A 210 -14.81 -5.31 14.46
C ASN A 210 -13.39 -5.75 14.11
N HIS A 211 -12.94 -6.76 14.84
CA HIS A 211 -11.62 -7.37 14.62
C HIS A 211 -11.84 -8.88 14.71
N LYS A 212 -12.00 -9.52 13.55
CA LYS A 212 -12.40 -10.93 13.53
C LYS A 212 -11.39 -11.84 14.22
N PRO A 213 -10.07 -11.66 14.03
CA PRO A 213 -9.13 -12.63 14.62
C PRO A 213 -9.22 -12.71 16.12
N SER A 214 -9.51 -11.62 16.83
CA SER A 214 -9.65 -11.66 18.27
C SER A 214 -11.10 -11.72 18.72
N ASN A 215 -12.05 -11.85 17.79
CA ASN A 215 -13.48 -11.91 18.10
C ASN A 215 -13.91 -10.69 18.89
N THR A 216 -13.40 -9.52 18.50
CA THR A 216 -13.69 -8.25 19.19
C THR A 216 -14.80 -7.54 18.42
N LYS A 217 -15.88 -7.22 19.11
CA LYS A 217 -16.92 -6.36 18.58
C LYS A 217 -17.12 -5.25 19.60
N VAL A 218 -16.89 -4.02 19.19
CA VAL A 218 -17.03 -2.89 20.11
C VAL A 218 -17.93 -1.84 19.45
N ASP A 219 -18.78 -1.22 20.25
CA ASP A 219 -19.51 -0.01 19.85
C ASP A 219 -19.17 1.08 20.85
N LYS A 220 -18.55 2.17 20.37
CA LYS A 220 -18.08 3.24 21.25
C LYS A 220 -18.82 4.53 20.92
N ARG A 221 -19.63 5.00 21.89
CA ARG A 221 -20.25 6.31 21.78
C ARG A 221 -19.20 7.41 21.96
N VAL A 222 -19.22 8.41 21.08
CA VAL A 222 -18.26 9.49 21.09
C VAL A 222 -19.03 10.77 21.32
N GLU A 223 -18.83 11.40 22.48
CA GLU A 223 -19.60 12.56 22.87
C GLU A 223 -18.66 13.69 23.29
N PRO A 224 -19.17 14.93 23.35
CA PRO A 224 -18.28 16.01 23.82
C PRO A 224 -18.21 16.09 25.36
N ASP B 1 23.75 -4.46 -10.99
N ASP B 1 22.90 -4.35 -9.98
CA ASP B 1 22.31 -4.75 -11.03
CA ASP B 1 21.82 -4.76 -10.90
C ASP B 1 21.61 -3.68 -12.02
C ASP B 1 21.59 -3.71 -12.01
N ILE B 2 20.70 -4.02 -12.95
CA ILE B 2 20.22 -3.03 -13.92
C ILE B 2 19.12 -2.23 -13.22
N GLN B 3 19.40 -0.96 -12.81
CA GLN B 3 18.43 -0.14 -12.08
CA GLN B 3 18.43 -0.15 -12.07
C GLN B 3 17.45 0.54 -13.03
N MET B 4 16.16 0.43 -12.74
CA MET B 4 15.11 1.02 -13.58
C MET B 4 14.52 2.21 -12.83
N THR B 5 14.56 3.40 -13.45
CA THR B 5 14.09 4.63 -12.83
C THR B 5 12.94 5.19 -13.66
N GLN B 6 11.75 5.27 -13.08
CA GLN B 6 10.61 5.87 -13.75
C GLN B 6 10.55 7.37 -13.46
N SER B 7 9.92 8.10 -14.38
CA SER B 7 9.78 9.49 -14.19
C SER B 7 8.45 9.91 -14.81
N PRO B 8 7.58 10.68 -14.10
CA PRO B 8 7.69 11.11 -12.71
C PRO B 8 7.29 9.91 -11.83
N SER B 9 7.40 10.01 -10.50
CA SER B 9 6.85 9.00 -9.61
C SER B 9 5.34 9.17 -9.40
N THR B 10 4.86 10.40 -9.51
CA THR B 10 3.45 10.69 -9.42
C THR B 10 3.12 11.71 -10.50
N LEU B 11 1.94 11.55 -11.08
CA LEU B 11 1.45 12.33 -12.21
C LEU B 11 -0.01 12.60 -11.94
N SER B 12 -0.41 13.85 -11.95
CA SER B 12 -1.84 14.17 -11.86
C SER B 12 -2.35 14.52 -13.24
N ALA B 13 -3.46 13.90 -13.62
CA ALA B 13 -3.99 14.01 -14.96
C ALA B 13 -5.50 14.06 -14.89
N SER B 14 -6.12 14.46 -16.00
CA SER B 14 -7.58 14.47 -16.15
C SER B 14 -7.98 13.48 -17.25
N VAL B 15 -9.20 12.96 -17.12
CA VAL B 15 -9.81 12.13 -18.16
C VAL B 15 -9.75 12.86 -19.49
N GLY B 16 -9.33 12.15 -20.54
CA GLY B 16 -9.12 12.73 -21.86
C GLY B 16 -7.70 13.22 -22.13
N ASP B 17 -6.86 13.32 -21.10
CA ASP B 17 -5.50 13.81 -21.27
C ASP B 17 -4.65 12.77 -21.98
N ARG B 18 -3.67 13.26 -22.73
CA ARG B 18 -2.58 12.42 -23.18
C ARG B 18 -1.57 12.29 -22.06
N VAL B 19 -1.19 11.07 -21.71
CA VAL B 19 -0.34 10.84 -20.53
C VAL B 19 0.88 10.01 -20.95
N THR B 20 2.07 10.46 -20.58
CA THR B 20 3.29 9.72 -20.87
C THR B 20 4.13 9.50 -19.63
N ILE B 21 4.55 8.26 -19.39
CA ILE B 21 5.41 7.89 -18.29
C ILE B 21 6.73 7.42 -18.87
N THR B 22 7.84 7.88 -18.29
CA THR B 22 9.17 7.55 -18.79
C THR B 22 9.83 6.51 -17.89
N CYS B 23 10.64 5.64 -18.47
CA CYS B 23 11.35 4.60 -17.72
C CYS B 23 12.74 4.54 -18.33
N ARG B 24 13.79 4.65 -17.51
CA ARG B 24 15.17 4.60 -18.00
C ARG B 24 15.90 3.45 -17.31
N ALA B 25 16.73 2.75 -18.05
CA ALA B 25 17.57 1.68 -17.52
C ALA B 25 18.99 2.17 -17.37
N SER B 26 19.64 1.76 -16.26
CA SER B 26 21.00 2.21 -16.04
C SER B 26 22.01 1.50 -16.92
N GLN B 27 21.59 0.45 -17.63
CA GLN B 27 22.43 -0.25 -18.61
C GLN B 27 21.54 -0.57 -19.78
N SER B 28 22.14 -0.81 -20.95
CA SER B 28 21.30 -1.03 -22.14
C SER B 28 20.58 -2.38 -22.07
N ILE B 29 19.25 -2.38 -22.28
CA ILE B 29 18.44 -3.60 -22.19
C ILE B 29 17.77 -3.97 -23.53
N SER B 30 18.27 -3.45 -24.64
CA SER B 30 17.74 -3.78 -25.96
C SER B 30 16.25 -3.50 -25.94
N SER B 31 15.39 -4.41 -26.38
CA SER B 31 13.96 -4.18 -26.40
C SER B 31 13.26 -4.85 -25.23
N TRP B 32 14.00 -5.33 -24.23
CA TRP B 32 13.37 -6.26 -23.27
C TRP B 32 12.81 -5.49 -22.09
N LEU B 33 11.70 -4.81 -22.34
CA LEU B 33 11.07 -3.94 -21.36
C LEU B 33 9.57 -4.23 -21.39
N ALA B 34 8.95 -4.44 -20.23
CA ALA B 34 7.50 -4.63 -20.14
C ALA B 34 6.91 -3.57 -19.22
N TRP B 35 5.61 -3.32 -19.38
CA TRP B 35 4.87 -2.40 -18.54
C TRP B 35 3.66 -3.11 -17.94
N TYR B 36 3.36 -2.80 -16.67
CA TYR B 36 2.21 -3.37 -15.95
C TYR B 36 1.41 -2.25 -15.32
N GLN B 37 0.11 -2.54 -15.17
CA GLN B 37 -0.83 -1.71 -14.40
C GLN B 37 -1.18 -2.43 -13.11
N GLN B 38 -1.19 -1.69 -11.98
CA GLN B 38 -1.68 -2.23 -10.71
C GLN B 38 -2.64 -1.28 -10.03
N LYS B 39 -3.75 -1.81 -9.58
CA LYS B 39 -4.65 -1.07 -8.71
C LYS B 39 -4.55 -1.56 -7.28
N PRO B 40 -4.95 -0.74 -6.31
CA PRO B 40 -4.78 -1.11 -4.90
C PRO B 40 -5.41 -2.46 -4.56
N GLY B 41 -4.63 -3.32 -3.92
CA GLY B 41 -5.12 -4.60 -3.45
C GLY B 41 -5.30 -5.69 -4.51
N LYS B 42 -4.96 -5.41 -5.77
CA LYS B 42 -5.13 -6.33 -6.88
C LYS B 42 -3.77 -6.68 -7.44
N ALA B 43 -3.67 -7.84 -8.09
CA ALA B 43 -2.44 -8.18 -8.80
C ALA B 43 -2.17 -7.27 -9.98
N PRO B 44 -0.91 -7.10 -10.37
CA PRO B 44 -0.63 -6.36 -11.60
C PRO B 44 -1.14 -7.10 -12.83
N LYS B 45 -1.36 -6.33 -13.90
CA LYS B 45 -1.76 -6.90 -15.17
C LYS B 45 -0.83 -6.37 -16.27
N LEU B 46 -0.40 -7.26 -17.16
CA LEU B 46 0.50 -6.91 -18.25
C LEU B 46 -0.17 -5.97 -19.25
N LEU B 47 0.52 -4.90 -19.66
CA LEU B 47 0.05 -4.02 -20.74
C LEU B 47 0.83 -4.21 -22.05
N ILE B 48 2.17 -4.20 -21.95
CA ILE B 48 3.09 -4.05 -23.08
C ILE B 48 4.29 -4.95 -22.83
N TYR B 49 4.75 -5.66 -23.86
CA TYR B 49 6.03 -6.33 -23.70
C TYR B 49 6.88 -6.00 -24.91
N LYS B 50 8.17 -6.33 -24.82
CA LYS B 50 9.15 -6.05 -25.89
C LYS B 50 9.06 -4.58 -26.32
N ALA B 51 8.91 -3.71 -25.32
CA ALA B 51 8.95 -2.26 -25.39
C ALA B 51 7.70 -1.63 -26.04
N SER B 52 7.13 -2.29 -27.03
CA SER B 52 6.09 -1.64 -27.83
C SER B 52 4.94 -2.56 -28.23
N ASN B 53 4.96 -3.83 -27.83
CA ASN B 53 3.97 -4.79 -28.34
C ASN B 53 2.82 -4.87 -27.36
N LEU B 54 1.65 -4.44 -27.79
CA LEU B 54 0.48 -4.40 -26.92
C LEU B 54 0.03 -5.82 -26.65
N GLU B 55 -0.20 -6.14 -25.38
CA GLU B 55 -0.68 -7.49 -25.05
C GLU B 55 -2.13 -7.69 -25.50
N SER B 56 -2.41 -8.86 -26.06
CA SER B 56 -3.74 -9.12 -26.59
C SER B 56 -4.81 -8.82 -25.55
N GLY B 57 -5.87 -8.10 -25.99
CA GLY B 57 -6.95 -7.70 -25.11
C GLY B 57 -6.78 -6.36 -24.43
N VAL B 58 -5.56 -5.84 -24.34
CA VAL B 58 -5.31 -4.54 -23.70
C VAL B 58 -5.86 -3.42 -24.60
N PRO B 59 -6.49 -2.38 -24.04
CA PRO B 59 -7.10 -1.35 -24.90
C PRO B 59 -6.08 -0.64 -25.79
N LEU B 60 -6.55 -0.21 -26.96
CA LEU B 60 -5.65 0.40 -27.95
C LEU B 60 -5.12 1.77 -27.49
N ARG B 61 -5.72 2.40 -26.48
CA ARG B 61 -5.16 3.69 -26.05
C ARG B 61 -3.79 3.55 -25.40
N PHE B 62 -3.36 2.33 -25.04
CA PHE B 62 -2.05 2.08 -24.47
C PHE B 62 -1.04 1.83 -25.59
N SER B 63 0.11 2.50 -25.53
CA SER B 63 1.23 2.20 -26.42
C SER B 63 2.56 2.41 -25.70
N GLY B 64 3.62 1.95 -26.33
CA GLY B 64 4.95 2.00 -25.73
C GLY B 64 5.97 2.21 -26.83
N SER B 65 7.06 2.85 -26.47
CA SER B 65 8.09 3.19 -27.43
C SER B 65 9.44 3.13 -26.73
N GLY B 66 10.49 2.75 -27.46
CA GLY B 66 11.85 2.91 -27.00
C GLY B 66 12.71 1.68 -27.21
N SER B 67 13.99 1.85 -26.88
CA SER B 67 15.00 0.79 -26.97
C SER B 67 16.23 1.26 -26.21
N GLY B 68 17.07 0.31 -25.79
CA GLY B 68 18.35 0.73 -25.28
C GLY B 68 18.19 1.07 -23.81
N THR B 69 18.20 2.37 -23.49
CA THR B 69 18.03 2.80 -22.10
C THR B 69 16.83 3.70 -21.85
N GLU B 70 16.13 4.22 -22.86
CA GLU B 70 15.03 5.15 -22.59
C GLU B 70 13.74 4.62 -23.19
N PHE B 71 12.66 4.58 -22.39
CA PHE B 71 11.40 4.00 -22.83
C PHE B 71 10.23 4.86 -22.36
N THR B 72 9.08 4.79 -23.07
CA THR B 72 7.88 5.48 -22.63
C THR B 72 6.68 4.58 -22.73
N LEU B 73 5.74 4.82 -21.82
CA LEU B 73 4.37 4.30 -21.89
C LEU B 73 3.45 5.50 -22.08
N THR B 74 2.57 5.44 -23.08
CA THR B 74 1.64 6.53 -23.35
C THR B 74 0.23 6.01 -23.37
N ILE B 75 -0.68 6.72 -22.70
CA ILE B 75 -2.12 6.50 -22.77
C ILE B 75 -2.68 7.66 -23.60
N SER B 76 -3.19 7.37 -24.81
CA SER B 76 -3.46 8.47 -25.72
C SER B 76 -4.56 9.40 -25.20
N SER B 77 -5.53 8.84 -24.47
CA SER B 77 -6.67 9.61 -23.96
C SER B 77 -7.15 8.89 -22.70
N LEU B 78 -6.79 9.43 -21.53
CA LEU B 78 -6.97 8.76 -20.25
C LEU B 78 -8.43 8.60 -19.88
N GLN B 79 -8.77 7.42 -19.38
CA GLN B 79 -10.13 7.02 -19.02
C GLN B 79 -10.23 6.79 -17.52
N PRO B 80 -11.44 6.71 -16.95
CA PRO B 80 -11.54 6.60 -15.49
C PRO B 80 -10.87 5.35 -14.94
N ASP B 81 -10.90 4.24 -15.69
CA ASP B 81 -10.28 2.98 -15.28
C ASP B 81 -8.76 3.07 -15.23
N ASP B 82 -8.15 4.15 -15.73
CA ASP B 82 -6.71 4.22 -15.91
C ASP B 82 -5.96 4.84 -14.71
N PHE B 83 -6.68 5.42 -13.77
CA PHE B 83 -6.03 5.93 -12.56
C PHE B 83 -5.55 4.73 -11.74
N ALA B 84 -4.24 4.63 -11.56
CA ALA B 84 -3.60 3.39 -11.11
C ALA B 84 -2.11 3.65 -10.99
N THR B 85 -1.36 2.64 -10.59
CA THR B 85 0.09 2.71 -10.60
C THR B 85 0.61 1.87 -11.75
N TYR B 86 1.62 2.40 -12.46
CA TYR B 86 2.24 1.71 -13.60
C TYR B 86 3.69 1.38 -13.28
N TYR B 87 4.12 0.13 -13.61
CA TYR B 87 5.48 -0.31 -13.41
C TYR B 87 6.12 -0.70 -14.74
N CYS B 88 7.38 -0.31 -14.96
CA CYS B 88 8.15 -0.97 -16.01
C CYS B 88 8.99 -2.08 -15.39
N GLN B 89 9.47 -2.98 -16.26
CA GLN B 89 10.25 -4.13 -15.82
C GLN B 89 11.21 -4.46 -16.95
N GLN B 90 12.52 -4.58 -16.65
CA GLN B 90 13.40 -5.13 -17.66
C GLN B 90 13.56 -6.63 -17.48
N TYR B 91 13.72 -7.32 -18.62
CA TYR B 91 13.99 -8.77 -18.60
C TYR B 91 15.12 -9.09 -19.60
N ASN B 92 16.15 -8.23 -19.58
CA ASN B 92 17.36 -8.45 -20.35
C ASN B 92 18.39 -9.29 -19.59
N ASN B 93 18.67 -8.93 -18.35
CA ASN B 93 19.61 -9.66 -17.51
C ASN B 93 18.99 -9.71 -16.12
N TYR B 94 18.59 -10.93 -15.65
CA TYR B 94 17.72 -11.03 -14.47
C TYR B 94 16.48 -10.19 -14.70
N TRP B 95 15.78 -9.75 -13.64
CA TRP B 95 14.42 -9.18 -13.79
C TRP B 95 14.27 -8.11 -12.73
N THR B 96 14.12 -6.84 -13.14
CA THR B 96 14.01 -5.76 -12.15
C THR B 96 12.93 -4.78 -12.58
N PHE B 97 12.24 -4.24 -11.57
CA PHE B 97 11.13 -3.32 -11.75
C PHE B 97 11.55 -1.88 -11.44
N GLY B 98 10.94 -0.94 -12.17
CA GLY B 98 10.95 0.45 -11.77
C GLY B 98 10.20 0.62 -10.45
N GLN B 99 10.29 1.84 -9.90
CA GLN B 99 9.68 2.08 -8.61
C GLN B 99 8.18 2.33 -8.67
N GLY B 100 7.59 2.42 -9.86
CA GLY B 100 6.17 2.71 -9.97
C GLY B 100 5.88 4.18 -10.20
N THR B 101 4.88 4.48 -11.01
CA THR B 101 4.37 5.84 -11.26
C THR B 101 2.87 5.83 -10.98
N LYS B 102 2.42 6.63 -10.00
CA LYS B 102 0.98 6.72 -9.71
C LYS B 102 0.34 7.81 -10.56
N VAL B 103 -0.72 7.44 -11.26
CA VAL B 103 -1.51 8.40 -12.04
C VAL B 103 -2.72 8.72 -11.17
N GLU B 104 -2.80 9.97 -10.71
CA GLU B 104 -3.81 10.47 -9.78
CA GLU B 104 -3.85 10.44 -9.81
C GLU B 104 -4.70 11.49 -10.50
N ILE B 105 -5.88 11.73 -9.96
CA ILE B 105 -6.83 12.69 -10.54
C ILE B 105 -6.44 14.12 -10.19
N LYS B 106 -6.34 14.97 -11.20
CA LYS B 106 -6.11 16.39 -10.99
C LYS B 106 -7.37 17.09 -10.48
N ARG B 107 -7.20 18.01 -9.55
CA ARG B 107 -8.28 18.90 -9.14
C ARG B 107 -7.65 20.21 -8.66
N THR B 108 -8.50 21.17 -8.28
CA THR B 108 -8.04 22.47 -7.83
C THR B 108 -7.44 22.38 -6.42
N VAL B 109 -6.59 23.36 -6.07
CA VAL B 109 -5.96 23.30 -4.74
C VAL B 109 -7.02 23.43 -3.66
N ALA B 110 -6.92 22.60 -2.60
CA ALA B 110 -7.84 22.61 -1.47
C ALA B 110 -7.08 22.64 -0.16
N ALA B 111 -7.42 23.62 0.72
CA ALA B 111 -6.78 23.68 2.03
C ALA B 111 -7.38 22.61 2.96
N PRO B 112 -6.57 22.01 3.83
CA PRO B 112 -7.13 21.09 4.82
C PRO B 112 -7.88 21.86 5.88
N SER B 113 -8.88 21.22 6.47
CA SER B 113 -9.43 21.60 7.77
C SER B 113 -8.65 20.85 8.83
N VAL B 114 -8.17 21.55 9.85
CA VAL B 114 -7.28 20.94 10.83
C VAL B 114 -7.98 20.78 12.17
N PHE B 115 -7.81 19.62 12.81
CA PHE B 115 -8.40 19.39 14.12
C PHE B 115 -7.42 18.68 15.03
N ILE B 116 -7.41 19.03 16.32
CA ILE B 116 -6.57 18.32 17.27
C ILE B 116 -7.46 17.65 18.31
N PHE B 117 -7.09 16.43 18.70
CA PHE B 117 -7.85 15.65 19.68
C PHE B 117 -6.95 15.29 20.84
N PRO B 118 -7.27 15.64 22.08
CA PRO B 118 -6.49 15.17 23.23
C PRO B 118 -6.68 13.67 23.47
N PRO B 119 -5.73 13.02 24.11
CA PRO B 119 -5.93 11.63 24.54
C PRO B 119 -7.08 11.53 25.54
N SER B 120 -7.81 10.41 25.48
CA SER B 120 -9.00 10.24 26.30
C SER B 120 -8.65 9.87 27.74
N ASP B 121 -9.59 10.16 28.65
CA ASP B 121 -9.43 9.72 30.02
C ASP B 121 -9.31 8.19 30.09
N GLU B 122 -10.09 7.48 29.27
CA GLU B 122 -10.01 6.02 29.30
C GLU B 122 -8.62 5.53 28.91
N GLN B 123 -7.99 6.18 27.92
CA GLN B 123 -6.64 5.77 27.53
C GLN B 123 -5.61 6.16 28.58
N LEU B 124 -5.72 7.38 29.13
CA LEU B 124 -4.72 7.84 30.08
C LEU B 124 -4.64 6.92 31.29
N LYS B 125 -5.78 6.44 31.79
CA LYS B 125 -5.78 5.58 32.99
C LYS B 125 -4.99 4.31 32.75
N SER B 126 -4.41 4.16 31.56
CA SER B 126 -3.70 2.96 31.16
C SER B 126 -2.20 3.14 31.00
N GLY B 127 -1.69 4.37 30.94
CA GLY B 127 -0.26 4.60 30.88
C GLY B 127 0.26 5.17 29.57
N THR B 128 -0.61 5.41 28.60
CA THR B 128 -0.19 5.94 27.31
C THR B 128 -1.12 7.06 26.89
N ALA B 129 -0.56 8.02 26.15
CA ALA B 129 -1.27 9.19 25.70
C ALA B 129 -1.06 9.29 24.19
N SER B 130 -2.15 9.25 23.43
CA SER B 130 -2.10 9.41 21.98
C SER B 130 -2.80 10.72 21.63
N VAL B 131 -2.08 11.62 20.97
CA VAL B 131 -2.62 12.91 20.54
C VAL B 131 -2.74 12.87 19.02
N VAL B 132 -3.93 13.18 18.50
CA VAL B 132 -4.23 12.99 17.09
C VAL B 132 -4.44 14.34 16.43
N CYS B 133 -3.85 14.52 15.26
CA CYS B 133 -4.05 15.70 14.43
C CYS B 133 -4.63 15.22 13.11
N LEU B 134 -5.77 15.79 12.73
CA LEU B 134 -6.49 15.44 11.51
C LEU B 134 -6.39 16.59 10.51
N LEU B 135 -6.01 16.27 9.26
CA LEU B 135 -6.06 17.21 8.13
C LEU B 135 -7.06 16.66 7.14
N ASN B 136 -8.17 17.35 6.96
CA ASN B 136 -9.32 16.81 6.26
C ASN B 136 -9.48 17.43 4.87
N ASN B 137 -9.57 16.57 3.85
CA ASN B 137 -9.97 16.93 2.47
C ASN B 137 -9.14 18.08 1.89
N PHE B 138 -7.88 17.76 1.58
CA PHE B 138 -6.97 18.74 0.99
C PHE B 138 -6.44 18.21 -0.34
N TYR B 139 -5.77 19.11 -1.09
CA TYR B 139 -5.12 18.77 -2.35
C TYR B 139 -4.16 19.89 -2.71
N PRO B 140 -2.94 19.59 -3.20
CA PRO B 140 -2.35 18.25 -3.47
C PRO B 140 -2.00 17.48 -2.22
N ARG B 141 -1.32 16.33 -2.37
CA ARG B 141 -1.10 15.43 -1.22
C ARG B 141 0.00 15.94 -0.29
N GLU B 142 0.96 16.70 -0.82
CA GLU B 142 2.11 17.19 -0.05
C GLU B 142 1.66 18.14 1.06
N ALA B 143 1.93 17.77 2.31
CA ALA B 143 1.62 18.60 3.45
C ALA B 143 2.60 18.29 4.56
N LYS B 144 2.86 19.28 5.41
CA LYS B 144 3.80 19.18 6.52
C LYS B 144 3.04 19.30 7.84
N VAL B 145 3.21 18.31 8.71
CA VAL B 145 2.72 18.37 10.09
C VAL B 145 3.92 18.36 11.02
N GLN B 146 3.96 19.30 11.97
CA GLN B 146 5.03 19.42 12.95
C GLN B 146 4.43 19.48 14.34
N TRP B 147 4.92 18.64 15.24
CA TRP B 147 4.41 18.60 16.61
C TRP B 147 5.33 19.39 17.54
N LYS B 148 4.74 20.31 18.28
CA LYS B 148 5.45 21.13 19.24
C LYS B 148 4.83 20.91 20.61
N VAL B 149 5.66 20.57 21.59
CA VAL B 149 5.22 20.34 22.97
C VAL B 149 5.88 21.40 23.87
N ASP B 150 5.07 22.30 24.42
CA ASP B 150 5.60 23.52 25.04
C ASP B 150 6.54 24.22 24.07
N ASN B 151 6.12 24.33 22.81
CA ASN B 151 6.88 24.94 21.73
C ASN B 151 8.21 24.26 21.46
N ALA B 152 8.33 22.99 21.83
CA ALA B 152 9.53 22.21 21.53
C ALA B 152 9.19 21.26 20.40
N LEU B 153 9.80 21.46 19.24
CA LEU B 153 9.50 20.63 18.09
C LEU B 153 9.81 19.16 18.39
N GLN B 154 8.89 18.28 18.02
CA GLN B 154 9.03 16.86 18.28
C GLN B 154 9.59 16.16 17.06
N SER B 155 10.26 15.05 17.31
CA SER B 155 10.79 14.23 16.23
C SER B 155 10.91 12.81 16.75
N GLY B 156 10.64 11.84 15.87
CA GLY B 156 10.80 10.44 16.20
C GLY B 156 9.65 9.81 16.95
N ASN B 157 8.69 10.59 17.43
CA ASN B 157 7.60 10.03 18.25
C ASN B 157 6.22 10.26 17.61
N SER B 158 6.14 10.32 16.29
CA SER B 158 4.83 10.41 15.64
C SER B 158 4.78 9.53 14.40
N GLN B 159 3.56 9.07 14.06
CA GLN B 159 3.31 8.35 12.82
C GLN B 159 2.12 8.95 12.10
N GLU B 160 2.14 8.90 10.78
CA GLU B 160 1.03 9.43 10.01
C GLU B 160 0.59 8.43 8.96
N SER B 161 -0.65 8.63 8.52
CA SER B 161 -1.30 7.78 7.55
C SER B 161 -2.23 8.66 6.71
N VAL B 162 -2.36 8.34 5.44
CA VAL B 162 -3.12 9.16 4.52
C VAL B 162 -4.01 8.26 3.69
N THR B 163 -5.21 8.76 3.38
CA THR B 163 -6.20 8.01 2.61
C THR B 163 -5.92 8.14 1.12
N GLU B 164 -6.49 7.20 0.35
CA GLU B 164 -6.50 7.37 -1.10
C GLU B 164 -7.46 8.48 -1.50
N GLN B 165 -7.36 8.96 -2.75
CA GLN B 165 -8.19 10.05 -3.21
C GLN B 165 -9.67 9.71 -3.05
N ASP B 166 -10.39 10.64 -2.47
CA ASP B 166 -11.81 10.46 -2.23
C ASP B 166 -12.57 10.30 -3.55
N SER B 167 -13.46 9.31 -3.61
CA SER B 167 -14.16 9.01 -4.85
C SER B 167 -15.19 10.07 -5.22
N LYS B 168 -15.57 10.93 -4.28
CA LYS B 168 -16.51 11.98 -4.61
C LYS B 168 -15.83 13.28 -5.01
N ASP B 169 -14.84 13.75 -4.23
CA ASP B 169 -14.23 15.06 -4.46
C ASP B 169 -12.73 15.02 -4.72
N SER B 170 -12.11 13.84 -4.82
CA SER B 170 -10.73 13.67 -5.23
C SER B 170 -9.71 14.31 -4.29
N THR B 171 -10.09 14.59 -3.03
CA THR B 171 -9.15 15.08 -2.02
C THR B 171 -8.47 13.95 -1.25
N TYR B 172 -7.45 14.32 -0.46
CA TYR B 172 -6.78 13.44 0.49
C TYR B 172 -7.10 13.86 1.93
N SER B 173 -6.94 12.92 2.86
CA SER B 173 -6.98 13.24 4.28
C SER B 173 -5.81 12.55 4.98
N LEU B 174 -5.42 13.11 6.13
CA LEU B 174 -4.18 12.71 6.78
C LEU B 174 -4.34 12.73 8.28
N SER B 175 -3.83 11.68 8.92
CA SER B 175 -3.85 11.49 10.36
C SER B 175 -2.42 11.58 10.84
N SER B 176 -2.19 12.23 11.97
CA SER B 176 -0.89 12.16 12.61
C SER B 176 -1.08 11.87 14.10
N THR B 177 -0.38 10.86 14.60
CA THR B 177 -0.52 10.46 15.98
C THR B 177 0.79 10.70 16.68
N LEU B 178 0.74 11.49 17.76
CA LEU B 178 1.87 11.67 18.66
C LEU B 178 1.66 10.76 19.87
N THR B 179 2.66 9.96 20.20
CA THR B 179 2.56 9.00 21.30
C THR B 179 3.62 9.31 22.35
N LEU B 180 3.16 9.56 23.57
CA LEU B 180 4.03 9.75 24.72
C LEU B 180 3.57 8.87 25.86
N SER B 181 4.50 8.56 26.75
CA SER B 181 4.11 7.90 27.98
C SER B 181 3.21 8.82 28.79
N LYS B 182 2.38 8.22 29.66
CA LYS B 182 1.56 9.02 30.56
C LYS B 182 2.42 10.00 31.36
N ALA B 183 3.55 9.51 31.90
CA ALA B 183 4.47 10.37 32.64
C ALA B 183 4.92 11.57 31.79
N ASP B 184 5.46 11.30 30.59
CA ASP B 184 5.96 12.37 29.74
C ASP B 184 4.84 13.33 29.34
N TYR B 185 3.64 12.81 29.05
CA TYR B 185 2.50 13.67 28.76
C TYR B 185 2.23 14.65 29.90
N GLU B 186 2.41 14.20 31.15
CA GLU B 186 2.12 15.03 32.31
C GLU B 186 3.23 16.00 32.66
N LYS B 187 4.38 15.96 31.99
CA LYS B 187 5.46 16.91 32.23
C LYS B 187 5.28 18.23 31.49
N HIS B 188 4.32 18.30 30.56
CA HIS B 188 4.17 19.44 29.68
C HIS B 188 2.71 19.85 29.61
N LYS B 189 2.47 21.13 29.27
CA LYS B 189 1.14 21.72 29.28
C LYS B 189 0.53 21.87 27.90
N VAL B 190 1.32 22.36 26.94
CA VAL B 190 0.82 22.87 25.66
C VAL B 190 1.17 21.89 24.55
N TYR B 191 0.14 21.42 23.84
CA TYR B 191 0.30 20.44 22.77
C TYR B 191 -0.26 21.05 21.48
N ALA B 192 0.58 21.10 20.44
CA ALA B 192 0.22 21.82 19.22
C ALA B 192 0.61 20.99 18.00
N CYS B 193 -0.27 20.93 17.01
CA CYS B 193 0.12 20.44 15.69
C CYS B 193 0.02 21.59 14.69
N GLU B 194 1.10 21.80 13.95
CA GLU B 194 1.21 22.90 13.00
C GLU B 194 1.26 22.33 11.59
N VAL B 195 0.46 22.91 10.71
CA VAL B 195 0.23 22.38 9.39
C VAL B 195 0.65 23.44 8.38
N THR B 196 1.56 23.09 7.47
CA THR B 196 1.85 23.94 6.33
C THR B 196 1.40 23.21 5.07
N HIS B 197 0.85 23.97 4.13
CA HIS B 197 0.25 23.42 2.93
C HIS B 197 0.12 24.56 1.91
N GLN B 198 0.08 24.19 0.63
CA GLN B 198 0.03 25.23 -0.39
C GLN B 198 -1.32 25.93 -0.45
N GLY B 199 -2.40 25.32 0.07
CA GLY B 199 -3.70 25.95 0.15
C GLY B 199 -3.89 26.91 1.30
N LEU B 200 -2.94 26.98 2.23
CA LEU B 200 -3.00 27.83 3.41
C LEU B 200 -2.08 29.04 3.25
N SER B 201 -2.63 30.24 3.45
CA SER B 201 -1.84 31.46 3.32
C SER B 201 -0.65 31.45 4.28
N SER B 202 -0.88 30.96 5.49
CA SER B 202 0.11 30.85 6.55
C SER B 202 -0.16 29.56 7.29
N PRO B 203 0.84 29.03 7.99
CA PRO B 203 0.63 27.77 8.74
C PRO B 203 -0.52 27.87 9.73
N VAL B 204 -1.29 26.79 9.83
CA VAL B 204 -2.41 26.68 10.75
C VAL B 204 -1.93 25.91 11.97
N THR B 205 -2.15 26.47 13.17
CA THR B 205 -1.83 25.79 14.41
C THR B 205 -3.10 25.46 15.19
N LYS B 206 -3.25 24.19 15.58
CA LYS B 206 -4.34 23.77 16.44
C LYS B 206 -3.73 23.15 17.67
N SER B 207 -4.23 23.56 18.84
CA SER B 207 -3.56 23.25 20.10
C SER B 207 -4.58 23.15 21.23
N PHE B 208 -4.15 22.51 22.32
CA PHE B 208 -4.93 22.49 23.55
C PHE B 208 -3.98 22.58 24.73
N ASN B 209 -4.55 22.95 25.88
CA ASN B 209 -3.93 22.77 27.18
C ASN B 209 -4.75 21.73 27.96
N ARG B 210 -4.08 20.71 28.48
CA ARG B 210 -4.84 19.60 29.07
C ARG B 210 -5.56 20.02 30.34
N GLY B 211 -6.56 20.90 30.22
CA GLY B 211 -7.31 21.41 31.35
C GLY B 211 -8.17 22.61 30.96
N ASN C 1 28.96 -20.51 -19.24
CA ASN C 1 28.19 -19.86 -18.18
C ASN C 1 26.76 -19.61 -18.69
N ALA C 2 25.76 -19.78 -17.85
CA ALA C 2 24.38 -19.86 -18.31
C ALA C 2 23.77 -18.48 -18.32
N ASN C 3 22.92 -18.23 -19.32
CA ASN C 3 22.19 -16.98 -19.40
C ASN C 3 20.91 -17.13 -18.57
N PRO C 4 20.73 -16.36 -17.52
CA PRO C 4 19.51 -16.54 -16.69
C PRO C 4 18.23 -16.25 -17.48
N ASN C 5 18.33 -15.44 -18.52
CA ASN C 5 17.21 -15.02 -19.34
C ASN C 5 17.07 -15.87 -20.61
N ALA C 6 17.75 -17.00 -20.67
CA ALA C 6 17.50 -17.92 -21.75
C ALA C 6 16.06 -18.42 -21.67
N ASN C 7 15.60 -19.01 -22.78
CA ASN C 7 14.20 -19.42 -22.81
C ASN C 7 13.94 -20.54 -21.81
N PRO C 8 13.01 -20.39 -20.84
CA PRO C 8 12.83 -21.43 -19.83
C PRO C 8 11.64 -22.30 -20.13
N ASN C 9 11.14 -22.27 -21.37
CA ASN C 9 9.92 -22.99 -21.72
C ASN C 9 10.24 -24.22 -22.57
N ALA C 10 9.28 -25.12 -22.67
CA ALA C 10 9.51 -26.31 -23.48
C ALA C 10 9.61 -25.97 -24.97
N ASN C 11 10.42 -26.73 -25.68
CA ASN C 11 10.59 -26.59 -27.13
C ASN C 11 9.97 -27.76 -27.91
#